data_6EBY
#
_entry.id   6EBY
#
_cell.length_a   43.450
_cell.length_b   58.290
_cell.length_c   58.700
_cell.angle_alpha   90.000
_cell.angle_beta   107.210
_cell.angle_gamma   90.000
#
_symmetry.space_group_name_H-M   'P 1 21 1'
#
loop_
_entity.id
_entity.type
_entity.pdbx_description
1 polymer 'Conserved protein MbtH'
2 polymer 'Amino acid adenylation'
3 water water
#
loop_
_entity_poly.entity_id
_entity_poly.type
_entity_poly.pdbx_seq_one_letter_code
_entity_poly.pdbx_strand_id
1 'polypeptide(L)'
;AMADIGSMTNPFDDDEGVFLVLVNDEDQYSLWPEFAEVPQGWRTVFGPTSRAAALDYINTHWTDLRPRSLREAMEAHSTA
G
;
A,C
2 'polypeptide(L)' NTELYVLDSSLRPLPTGAVGELYLGGVQLARGYVGRPGMTASRFVANPFGPPGSRLYRTGDLVRRRADGAVEYLGRV B,D
#
# COMPACT_ATOMS: atom_id res chain seq x y z
N ASN A 10 10.92 -10.48 0.76
CA ASN A 10 9.60 -10.86 1.25
C ASN A 10 9.28 -12.31 0.88
N PRO A 11 8.78 -13.08 1.85
CA PRO A 11 8.52 -14.51 1.58
C PRO A 11 7.49 -14.76 0.50
N PHE A 12 6.54 -13.83 0.30
CA PHE A 12 5.51 -14.02 -0.71
C PHE A 12 6.03 -13.77 -2.13
N ASP A 13 7.19 -13.11 -2.27
CA ASP A 13 7.81 -12.88 -3.56
C ASP A 13 9.00 -13.78 -3.82
N ASP A 14 9.35 -14.65 -2.88
CA ASP A 14 10.58 -15.43 -2.95
C ASP A 14 10.37 -16.62 -3.89
N ASP A 15 11.01 -16.57 -5.07
CA ASP A 15 10.93 -17.68 -6.01
C ASP A 15 11.63 -18.93 -5.49
N GLU A 16 12.51 -18.79 -4.50
CA GLU A 16 13.13 -19.94 -3.86
C GLU A 16 12.31 -20.49 -2.70
N GLY A 17 11.12 -19.95 -2.46
CA GLY A 17 10.30 -20.44 -1.38
C GLY A 17 9.52 -21.69 -1.74
N VAL A 18 8.94 -22.30 -0.71
CA VAL A 18 8.04 -23.43 -0.84
C VAL A 18 6.67 -22.97 -0.35
N PHE A 19 5.62 -23.29 -1.11
CA PHE A 19 4.35 -22.60 -0.93
C PHE A 19 3.17 -23.57 -0.83
N LEU A 20 2.16 -23.11 -0.12
CA LEU A 20 0.83 -23.68 -0.05
C LEU A 20 -0.17 -22.69 -0.63
N VAL A 21 -1.34 -23.22 -1.00
CA VAL A 21 -2.49 -22.41 -1.38
C VAL A 21 -3.56 -22.59 -0.31
N LEU A 22 -4.07 -21.48 0.21
CA LEU A 22 -5.09 -21.50 1.24
C LEU A 22 -6.40 -20.92 0.71
N VAL A 23 -7.51 -21.38 1.28
CA VAL A 23 -8.83 -20.84 0.99
C VAL A 23 -9.56 -20.60 2.30
N ASN A 24 -10.40 -19.58 2.32
CA ASN A 24 -11.25 -19.32 3.47
C ASN A 24 -12.68 -19.76 3.16
N ASP A 25 -13.58 -19.54 4.13
CA ASP A 25 -14.97 -19.95 3.98
C ASP A 25 -15.71 -19.14 2.93
N GLU A 26 -15.16 -18.02 2.46
CA GLU A 26 -15.76 -17.21 1.41
C GLU A 26 -15.19 -17.54 0.03
N ASP A 27 -14.37 -18.58 -0.07
CA ASP A 27 -13.77 -19.02 -1.33
C ASP A 27 -12.79 -18.00 -1.89
N GLN A 28 -12.13 -17.24 -1.02
CA GLN A 28 -11.00 -16.43 -1.43
C GLN A 28 -9.71 -17.19 -1.19
N TYR A 29 -8.72 -16.95 -2.04
CA TYR A 29 -7.48 -17.72 -2.03
C TYR A 29 -6.32 -16.86 -1.53
N SER A 30 -5.31 -17.53 -0.98
CA SER A 30 -4.10 -16.85 -0.51
C SER A 30 -2.89 -17.74 -0.75
N LEU A 31 -1.86 -17.16 -1.37
CA LEU A 31 -0.54 -17.76 -1.37
C LEU A 31 -0.01 -17.80 0.06
N TRP A 32 0.79 -18.83 0.36
CA TRP A 32 1.27 -18.91 1.74
C TRP A 32 2.61 -19.62 1.81
N PRO A 33 3.60 -19.07 2.52
CA PRO A 33 4.86 -19.80 2.71
C PRO A 33 4.67 -20.94 3.69
N GLU A 34 5.20 -22.12 3.34
CA GLU A 34 4.92 -23.32 4.14
C GLU A 34 5.49 -23.21 5.55
N PHE A 35 6.55 -22.43 5.75
CA PHE A 35 7.15 -22.35 7.07
C PHE A 35 6.23 -21.69 8.09
N ALA A 36 5.23 -20.93 7.65
CA ALA A 36 4.37 -20.18 8.54
C ALA A 36 3.13 -20.97 8.91
N GLU A 37 2.69 -20.82 10.16
CA GLU A 37 1.46 -21.47 10.60
C GLU A 37 0.28 -20.97 9.79
N VAL A 38 -0.64 -21.88 9.46
CA VAL A 38 -1.85 -21.52 8.73
C VAL A 38 -2.77 -20.77 9.67
N PRO A 39 -3.19 -19.55 9.34
CA PRO A 39 -4.08 -18.80 10.22
C PRO A 39 -5.45 -19.44 10.33
N GLN A 40 -6.14 -19.11 11.43
CA GLN A 40 -7.50 -19.58 11.64
C GLN A 40 -8.42 -19.11 10.51
N GLY A 41 -9.38 -19.96 10.16
CA GLY A 41 -10.30 -19.65 9.09
C GLY A 41 -9.78 -19.96 7.71
N TRP A 42 -8.57 -20.50 7.59
CA TRP A 42 -7.98 -20.86 6.31
C TRP A 42 -7.62 -22.34 6.31
N ARG A 43 -7.80 -22.99 5.17
CA ARG A 43 -7.45 -24.39 5.02
C ARG A 43 -6.59 -24.58 3.77
N THR A 44 -5.68 -25.54 3.85
CA THR A 44 -4.75 -25.81 2.75
C THR A 44 -5.44 -26.67 1.70
N VAL A 45 -5.35 -26.23 0.44
CA VAL A 45 -5.92 -26.99 -0.68
C VAL A 45 -4.88 -27.44 -1.68
N PHE A 46 -3.64 -26.96 -1.58
CA PHE A 46 -2.60 -27.30 -2.55
C PHE A 46 -1.24 -27.00 -1.94
N GLY A 47 -0.25 -27.78 -2.37
CA GLY A 47 1.09 -27.62 -1.87
C GLY A 47 1.45 -28.67 -0.85
N PRO A 48 2.71 -28.69 -0.39
CA PRO A 48 3.82 -27.78 -0.74
C PRO A 48 4.26 -27.87 -2.19
N THR A 49 4.53 -26.72 -2.80
CA THR A 49 4.82 -26.64 -4.22
C THR A 49 5.60 -25.36 -4.49
N SER A 50 6.04 -25.21 -5.73
CA SER A 50 6.77 -24.01 -6.13
C SER A 50 5.83 -22.80 -6.20
N ARG A 51 6.43 -21.61 -6.22
CA ARG A 51 5.64 -20.39 -6.31
C ARG A 51 4.84 -20.35 -7.61
N ALA A 52 5.47 -20.71 -8.72
CA ALA A 52 4.79 -20.67 -10.01
C ALA A 52 3.65 -21.67 -10.07
N ALA A 53 3.84 -22.85 -9.49
CA ALA A 53 2.78 -23.86 -9.50
C ALA A 53 1.62 -23.47 -8.59
N ALA A 54 1.93 -22.82 -7.45
CA ALA A 54 0.87 -22.34 -6.59
C ALA A 54 0.04 -21.25 -7.26
N LEU A 55 0.72 -20.30 -7.92
CA LEU A 55 -0.01 -19.26 -8.64
C LEU A 55 -0.80 -19.85 -9.80
N ASP A 56 -0.24 -20.86 -10.48
CA ASP A 56 -1.00 -21.57 -11.50
C ASP A 56 -2.27 -22.18 -10.92
N TYR A 57 -2.16 -22.80 -9.75
CA TYR A 57 -3.33 -23.38 -9.10
C TYR A 57 -4.37 -22.32 -8.78
N ILE A 58 -3.93 -21.18 -8.25
CA ILE A 58 -4.88 -20.13 -7.88
C ILE A 58 -5.57 -19.57 -9.11
N ASN A 59 -4.82 -19.34 -10.19
CA ASN A 59 -5.43 -18.89 -11.43
C ASN A 59 -6.36 -19.95 -12.03
N THR A 60 -6.14 -21.22 -11.69
CA THR A 60 -7.00 -22.29 -12.18
C THR A 60 -8.31 -22.38 -11.40
N HIS A 61 -8.25 -22.19 -10.08
CA HIS A 61 -9.37 -22.53 -9.22
C HIS A 61 -10.16 -21.33 -8.72
N TRP A 62 -9.54 -20.16 -8.58
CA TRP A 62 -10.25 -18.97 -8.10
C TRP A 62 -11.02 -18.36 -9.27
N THR A 63 -12.10 -19.03 -9.64
CA THR A 63 -12.92 -18.60 -10.77
C THR A 63 -14.39 -18.50 -10.38
N ASN B 1 -11.68 -0.02 8.40
CA ASN B 1 -11.02 0.13 9.69
C ASN B 1 -9.69 -0.63 9.65
N THR B 2 -8.60 0.11 9.53
CA THR B 2 -7.28 -0.45 9.21
C THR B 2 -6.41 -0.54 10.45
N GLU B 3 -5.71 -1.67 10.59
CA GLU B 3 -4.67 -1.86 11.58
C GLU B 3 -3.32 -1.90 10.87
N LEU B 4 -2.33 -1.26 11.48
CA LEU B 4 -0.97 -1.22 10.93
C LEU B 4 -0.13 -2.29 11.60
N TYR B 5 0.52 -3.13 10.79
CA TYR B 5 1.42 -4.16 11.28
C TYR B 5 2.81 -3.94 10.69
N VAL B 6 3.83 -4.15 11.53
CA VAL B 6 5.22 -4.10 11.10
C VAL B 6 5.79 -5.49 11.33
N LEU B 7 6.00 -6.24 10.25
CA LEU B 7 6.38 -7.64 10.34
C LEU B 7 7.77 -7.88 9.78
N ASP B 8 8.45 -8.89 10.33
CA ASP B 8 9.70 -9.35 9.75
C ASP B 8 9.42 -10.35 8.63
N SER B 9 10.48 -10.91 8.06
CA SER B 9 10.33 -11.86 6.95
C SER B 9 9.72 -13.18 7.39
N SER B 10 9.55 -13.41 8.69
CA SER B 10 8.85 -14.59 9.19
C SER B 10 7.42 -14.27 9.60
N LEU B 11 6.91 -13.10 9.21
CA LEU B 11 5.56 -12.63 9.51
C LEU B 11 5.30 -12.44 11.00
N ARG B 12 6.35 -12.21 11.80
CA ARG B 12 6.24 -11.90 13.23
C ARG B 12 6.28 -10.39 13.45
N PRO B 13 5.47 -9.87 14.37
CA PRO B 13 5.52 -8.44 14.68
C PRO B 13 6.86 -8.05 15.30
N LEU B 14 7.24 -6.81 15.07
CA LEU B 14 8.55 -6.33 15.50
C LEU B 14 8.42 -5.32 16.63
N PRO B 15 9.45 -5.20 17.47
CA PRO B 15 9.41 -4.24 18.57
C PRO B 15 9.72 -2.83 18.09
N THR B 16 9.73 -1.90 19.05
CA THR B 16 9.99 -0.49 18.77
C THR B 16 11.34 -0.32 18.09
N GLY B 17 11.36 0.51 17.05
CA GLY B 17 12.59 0.85 16.36
C GLY B 17 13.09 -0.17 15.36
N ALA B 18 12.56 -1.40 15.37
CA ALA B 18 12.99 -2.41 14.43
C ALA B 18 12.42 -2.13 13.04
N VAL B 19 13.20 -2.45 12.02
CA VAL B 19 12.83 -2.18 10.64
C VAL B 19 12.14 -3.41 10.06
N GLY B 20 10.92 -3.22 9.55
CA GLY B 20 10.18 -4.31 8.95
C GLY B 20 9.30 -3.85 7.80
N GLU B 21 8.38 -4.70 7.37
CA GLU B 21 7.48 -4.36 6.28
C GLU B 21 6.09 -4.06 6.82
N LEU B 22 5.43 -3.07 6.22
CA LEU B 22 4.09 -2.66 6.61
C LEU B 22 3.05 -3.57 5.98
N TYR B 23 2.15 -4.10 6.80
CA TYR B 23 0.98 -4.83 6.36
C TYR B 23 -0.26 -4.14 6.93
N LEU B 24 -1.31 -4.04 6.12
CA LEU B 24 -2.55 -3.38 6.53
C LEU B 24 -3.64 -4.41 6.74
N GLY B 25 -4.30 -4.36 7.90
CA GLY B 25 -5.43 -5.20 8.19
C GLY B 25 -6.75 -4.50 7.94
N GLY B 26 -7.84 -5.24 8.14
CA GLY B 26 -9.16 -4.71 7.89
C GLY B 26 -9.47 -4.46 6.43
N VAL B 27 -8.77 -5.15 5.52
CA VAL B 27 -8.92 -4.89 4.10
C VAL B 27 -10.16 -5.61 3.58
N GLN B 28 -10.86 -4.96 2.66
CA GLN B 28 -12.03 -5.54 2.00
C GLN B 28 -11.97 -5.20 0.53
N LEU B 29 -12.10 -6.22 -0.31
CA LEU B 29 -12.15 -6.06 -1.76
C LEU B 29 -13.49 -6.58 -2.26
N ALA B 30 -13.75 -6.31 -3.55
CA ALA B 30 -14.98 -6.78 -4.16
C ALA B 30 -15.08 -8.30 -4.10
N ARG B 31 -16.27 -8.80 -3.77
CA ARG B 31 -16.49 -10.23 -3.62
C ARG B 31 -16.99 -10.89 -4.90
N GLY B 32 -17.61 -10.13 -5.81
CA GLY B 32 -18.23 -10.73 -6.98
C GLY B 32 -17.29 -11.00 -8.14
N TYR B 33 -16.16 -10.31 -8.20
CA TYR B 33 -15.29 -10.35 -9.36
C TYR B 33 -13.83 -10.34 -8.93
N VAL B 34 -13.06 -11.32 -9.41
CA VAL B 34 -11.63 -11.37 -9.16
C VAL B 34 -10.92 -11.65 -10.49
N GLY B 35 -10.65 -10.60 -11.26
CA GLY B 35 -10.07 -10.75 -12.58
C GLY B 35 -8.60 -11.14 -12.57
N ARG B 36 -7.90 -10.92 -11.46
CA ARG B 36 -6.48 -11.23 -11.34
C ARG B 36 -6.27 -12.05 -10.05
N PRO B 37 -6.68 -13.32 -10.07
CA PRO B 37 -6.68 -14.08 -8.81
C PRO B 37 -5.29 -14.35 -8.23
N GLY B 38 -4.30 -14.68 -9.07
CA GLY B 38 -2.97 -14.95 -8.55
C GLY B 38 -2.33 -13.74 -7.91
N MET B 39 -2.36 -12.61 -8.61
CA MET B 39 -1.81 -11.37 -8.04
C MET B 39 -2.53 -10.99 -6.75
N THR B 40 -3.86 -11.14 -6.72
CA THR B 40 -4.62 -10.85 -5.52
C THR B 40 -4.20 -11.76 -4.36
N ALA B 41 -4.05 -13.06 -4.64
CA ALA B 41 -3.66 -14.02 -3.63
C ALA B 41 -2.24 -13.79 -3.12
N SER B 42 -1.38 -13.16 -3.93
CA SER B 42 -0.04 -12.83 -3.46
C SER B 42 0.05 -11.48 -2.78
N ARG B 43 -0.90 -10.58 -3.04
CA ARG B 43 -0.88 -9.24 -2.46
C ARG B 43 -1.76 -9.12 -1.21
N PHE B 44 -2.88 -9.83 -1.16
CA PHE B 44 -3.78 -9.82 -0.02
C PHE B 44 -3.76 -11.23 0.57
N VAL B 45 -3.00 -11.40 1.66
CA VAL B 45 -2.63 -12.72 2.14
C VAL B 45 -3.41 -13.04 3.42
N ALA B 46 -3.40 -14.32 3.79
CA ALA B 46 -4.10 -14.73 5.00
C ALA B 46 -3.55 -13.97 6.21
N ASN B 47 -4.46 -13.58 7.11
CA ASN B 47 -4.11 -12.72 8.23
C ASN B 47 -3.92 -13.54 9.50
N PRO B 48 -2.69 -13.65 10.02
CA PRO B 48 -2.49 -14.41 11.26
C PRO B 48 -3.05 -13.75 12.50
N PHE B 49 -3.45 -12.47 12.43
CA PHE B 49 -3.80 -11.70 13.62
C PHE B 49 -5.27 -11.33 13.70
N GLY B 50 -5.91 -11.01 12.58
CA GLY B 50 -7.29 -10.59 12.59
C GLY B 50 -8.26 -11.73 12.77
N PRO B 51 -9.53 -11.51 12.43
CA PRO B 51 -10.54 -12.55 12.57
C PRO B 51 -10.28 -13.69 11.60
N PRO B 52 -10.82 -14.88 11.86
CA PRO B 52 -10.62 -16.01 10.94
C PRO B 52 -11.11 -15.68 9.54
N GLY B 53 -10.29 -16.03 8.56
CA GLY B 53 -10.62 -15.78 7.16
C GLY B 53 -10.27 -14.41 6.64
N SER B 54 -9.71 -13.52 7.47
CA SER B 54 -9.39 -12.17 7.04
C SER B 54 -8.06 -12.14 6.30
N ARG B 55 -7.74 -10.98 5.72
CA ARG B 55 -6.56 -10.82 4.89
C ARG B 55 -5.79 -9.56 5.27
N LEU B 56 -4.50 -9.59 4.99
CA LEU B 56 -3.60 -8.46 5.16
C LEU B 56 -3.17 -7.94 3.79
N TYR B 57 -3.09 -6.61 3.69
CA TYR B 57 -2.59 -5.94 2.50
C TYR B 57 -1.08 -5.83 2.61
N ARG B 58 -0.37 -6.56 1.75
CA ARG B 58 1.10 -6.58 1.76
C ARG B 58 1.61 -5.38 0.97
N THR B 59 1.99 -4.32 1.67
CA THR B 59 2.30 -3.07 0.99
C THR B 59 3.63 -3.11 0.25
N GLY B 60 4.59 -3.92 0.72
CA GLY B 60 5.92 -3.87 0.16
C GLY B 60 6.73 -2.67 0.58
N ASP B 61 6.29 -1.96 1.62
CA ASP B 61 6.95 -0.76 2.10
C ASP B 61 7.67 -1.05 3.42
N LEU B 62 8.87 -0.47 3.54
CA LEU B 62 9.69 -0.58 4.74
C LEU B 62 9.29 0.51 5.73
N VAL B 63 9.08 0.11 6.99
CA VAL B 63 8.70 1.04 8.06
C VAL B 63 9.35 0.59 9.36
N ARG B 64 9.23 1.44 10.37
CA ARG B 64 9.59 1.07 11.74
C ARG B 64 8.64 1.77 12.70
N ARG B 65 8.35 1.11 13.82
CA ARG B 65 7.42 1.64 14.80
C ARG B 65 8.17 2.47 15.84
N ARG B 66 7.59 3.60 16.22
CA ARG B 66 8.18 4.47 17.22
C ARG B 66 7.68 4.10 18.61
N ALA B 67 8.17 4.82 19.62
CA ALA B 67 7.85 4.50 21.00
C ALA B 67 6.35 4.71 21.28
N ASP B 68 5.75 5.72 20.66
CA ASP B 68 4.33 5.98 20.86
C ASP B 68 3.43 5.08 20.02
N GLY B 69 4.00 4.09 19.34
CA GLY B 69 3.24 3.18 18.52
C GLY B 69 3.04 3.62 17.08
N ALA B 70 3.37 4.85 16.75
CA ALA B 70 3.18 5.35 15.39
C ALA B 70 4.25 4.77 14.46
N VAL B 71 3.97 4.86 13.16
CA VAL B 71 4.78 4.22 12.13
C VAL B 71 5.54 5.28 11.35
N GLU B 72 6.82 5.02 11.12
CA GLU B 72 7.69 5.91 10.33
C GLU B 72 8.05 5.23 9.02
N TYR B 73 7.87 5.96 7.91
CA TYR B 73 8.10 5.40 6.59
C TYR B 73 9.58 5.45 6.23
N LEU B 74 10.07 4.39 5.59
CA LEU B 74 11.48 4.29 5.24
C LEU B 74 11.74 4.00 3.77
N GLY B 75 10.71 3.83 2.95
CA GLY B 75 10.91 3.61 1.52
C GLY B 75 10.41 2.27 1.04
N ARG B 76 10.18 2.14 -0.26
CA ARG B 76 9.65 0.90 -0.81
C ARG B 76 10.77 -0.11 -1.04
N VAL B 77 10.49 -1.37 -0.74
CA VAL B 77 11.47 -2.45 -0.89
C VAL B 77 11.87 -2.60 -2.34
N ASN C 10 2.80 6.92 -13.17
CA ASN C 10 2.35 7.77 -12.07
C ASN C 10 3.09 9.09 -12.07
N PRO C 11 2.36 10.20 -11.92
CA PRO C 11 2.99 11.53 -11.99
C PRO C 11 4.00 11.80 -10.90
N PHE C 12 3.89 11.13 -9.74
CA PHE C 12 4.86 11.33 -8.67
C PHE C 12 6.18 10.60 -8.90
N ASP C 13 6.21 9.66 -9.85
CA ASP C 13 7.43 8.94 -10.20
C ASP C 13 7.99 9.35 -11.54
N ASP C 14 7.38 10.32 -12.22
CA ASP C 14 7.77 10.69 -13.58
C ASP C 14 8.96 11.63 -13.53
N ASP C 15 10.12 11.14 -13.99
CA ASP C 15 11.32 11.97 -14.03
C ASP C 15 11.20 13.08 -15.06
N GLU C 16 10.33 12.94 -16.05
CA GLU C 16 10.09 13.99 -17.03
C GLU C 16 9.04 14.99 -16.56
N GLY C 17 8.55 14.86 -15.33
CA GLY C 17 7.56 15.79 -14.82
C GLY C 17 8.18 17.10 -14.34
N VAL C 18 7.31 18.04 -14.02
CA VAL C 18 7.68 19.33 -13.43
C VAL C 18 7.01 19.42 -12.08
N PHE C 19 7.76 19.83 -11.05
CA PHE C 19 7.35 19.57 -9.69
C PHE C 19 7.44 20.80 -8.80
N LEU C 20 6.55 20.82 -7.81
CA LEU C 20 6.54 21.75 -6.69
C LEU C 20 6.75 20.97 -5.39
N VAL C 21 7.19 21.69 -4.37
CA VAL C 21 7.28 21.19 -3.00
C VAL C 21 6.23 21.92 -2.17
N LEU C 22 5.40 21.16 -1.46
CA LEU C 22 4.34 21.71 -0.64
C LEU C 22 4.59 21.40 0.83
N VAL C 23 4.09 22.28 1.70
CA VAL C 23 4.16 22.11 3.15
C VAL C 23 2.79 22.42 3.73
N ASN C 24 2.41 21.68 4.78
CA ASN C 24 1.18 21.96 5.50
C ASN C 24 1.52 22.68 6.80
N ASP C 25 0.48 22.98 7.59
CA ASP C 25 0.65 23.72 8.83
C ASP C 25 1.37 22.92 9.90
N GLU C 26 1.56 21.62 9.69
CA GLU C 26 2.29 20.77 10.62
C GLU C 26 3.72 20.54 10.17
N ASP C 27 4.19 21.30 9.17
CA ASP C 27 5.56 21.23 8.67
C ASP C 27 5.89 19.87 8.07
N GLN C 28 4.89 19.21 7.50
CA GLN C 28 5.10 18.02 6.68
C GLN C 28 5.15 18.42 5.22
N TYR C 29 5.99 17.72 4.46
CA TYR C 29 6.26 18.07 3.08
C TYR C 29 5.62 17.06 2.13
N SER C 30 5.35 17.52 0.91
CA SER C 30 4.80 16.67 -0.14
C SER C 30 5.37 17.08 -1.48
N LEU C 31 5.80 16.10 -2.26
CA LEU C 31 6.06 16.31 -3.67
C LEU C 31 4.74 16.56 -4.40
N TRP C 32 4.79 17.36 -5.46
CA TRP C 32 3.55 17.65 -6.16
C TRP C 32 3.80 17.92 -7.64
N PRO C 33 3.01 17.36 -8.53
CA PRO C 33 3.13 17.72 -9.96
C PRO C 33 2.50 19.07 -10.23
N GLU C 34 3.22 19.90 -11.01
CA GLU C 34 2.80 21.29 -11.21
C GLU C 34 1.42 21.41 -11.86
N PHE C 35 1.05 20.44 -12.70
CA PHE C 35 -0.23 20.55 -13.41
C PHE C 35 -1.43 20.44 -12.49
N ALA C 36 -1.25 19.89 -11.29
CA ALA C 36 -2.38 19.61 -10.40
C ALA C 36 -2.62 20.77 -9.44
N GLU C 37 -3.90 21.03 -9.15
CA GLU C 37 -4.27 22.05 -8.19
C GLU C 37 -3.71 21.71 -6.81
N VAL C 38 -3.19 22.73 -6.12
CA VAL C 38 -2.64 22.55 -4.78
C VAL C 38 -3.80 22.34 -3.81
N PRO C 39 -3.81 21.24 -3.05
CA PRO C 39 -4.94 20.99 -2.14
C PRO C 39 -4.99 21.99 -0.99
N GLN C 40 -6.17 22.06 -0.37
CA GLN C 40 -6.39 22.93 0.76
C GLN C 40 -5.45 22.57 1.91
N GLY C 41 -4.99 23.59 2.64
CA GLY C 41 -4.07 23.37 3.73
C GLY C 41 -2.63 23.16 3.32
N TRP C 42 -2.30 23.30 2.04
CA TRP C 42 -0.95 23.14 1.54
C TRP C 42 -0.52 24.40 0.81
N ARG C 43 0.74 24.79 1.01
CA ARG C 43 1.30 25.95 0.33
C ARG C 43 2.63 25.58 -0.31
N THR C 44 2.92 26.25 -1.43
CA THR C 44 4.12 25.96 -2.20
C THR C 44 5.32 26.70 -1.62
N VAL C 45 6.42 25.97 -1.41
CA VAL C 45 7.66 26.56 -0.93
C VAL C 45 8.78 26.48 -1.94
N PHE C 46 8.65 25.67 -2.99
CA PHE C 46 9.73 25.46 -3.93
C PHE C 46 9.14 24.98 -5.25
N GLY C 47 9.77 25.38 -6.35
CA GLY C 47 9.32 24.98 -7.66
C GLY C 47 8.71 26.12 -8.45
N PRO C 48 8.38 25.87 -9.73
CA PRO C 48 8.53 24.61 -10.46
C PRO C 48 9.99 24.21 -10.70
N THR C 49 10.26 22.92 -10.59
CA THR C 49 11.62 22.40 -10.66
C THR C 49 11.57 20.93 -11.06
N SER C 50 12.75 20.33 -11.22
CA SER C 50 12.83 18.93 -11.58
C SER C 50 12.53 18.04 -10.36
N ARG C 51 12.29 16.76 -10.63
CA ARG C 51 12.00 15.82 -9.56
C ARG C 51 13.17 15.70 -8.60
N ALA C 52 14.38 15.57 -9.13
CA ALA C 52 15.57 15.41 -8.29
C ALA C 52 15.81 16.66 -7.44
N ALA C 53 15.59 17.85 -8.01
CA ALA C 53 15.81 19.08 -7.26
C ALA C 53 14.77 19.24 -6.16
N ALA C 54 13.51 18.87 -6.44
CA ALA C 54 12.48 18.94 -5.42
C ALA C 54 12.76 17.98 -4.28
N LEU C 55 13.20 16.76 -4.61
CA LEU C 55 13.52 15.79 -3.57
C LEU C 55 14.74 16.23 -2.76
N ASP C 56 15.72 16.85 -3.42
CA ASP C 56 16.86 17.40 -2.67
C ASP C 56 16.41 18.50 -1.71
N TYR C 57 15.52 19.38 -2.17
CA TYR C 57 14.98 20.42 -1.31
C TYR C 57 14.28 19.81 -0.10
N ILE C 58 13.44 18.80 -0.32
CA ILE C 58 12.73 18.17 0.79
C ILE C 58 13.72 17.52 1.75
N ASN C 59 14.75 16.85 1.21
CA ASN C 59 15.69 16.16 2.07
C ASN C 59 16.55 17.12 2.89
N THR C 60 16.77 18.35 2.39
CA THR C 60 17.55 19.31 3.14
C THR C 60 16.69 20.29 3.96
N HIS C 61 15.37 20.24 3.83
CA HIS C 61 14.51 21.15 4.58
C HIS C 61 13.58 20.45 5.56
N TRP C 62 13.15 19.22 5.28
CA TRP C 62 12.30 18.46 6.21
C TRP C 62 13.19 17.80 7.25
N THR C 63 13.67 18.62 8.18
CA THR C 63 14.60 18.15 9.21
C THR C 63 14.14 18.56 10.60
N ASN D 1 -8.79 5.32 10.13
CA ASN D 1 -9.94 5.17 9.26
C ASN D 1 -9.59 5.55 7.83
N THR D 2 -9.38 4.55 6.99
CA THR D 2 -8.93 4.78 5.62
C THR D 2 -10.10 4.89 4.66
N GLU D 3 -9.98 5.80 3.71
CA GLU D 3 -10.90 5.90 2.58
C GLU D 3 -10.17 5.44 1.33
N LEU D 4 -10.88 4.76 0.43
CA LEU D 4 -10.27 4.20 -0.77
C LEU D 4 -10.59 5.09 -1.96
N TYR D 5 -9.55 5.60 -2.62
CA TYR D 5 -9.69 6.42 -3.81
C TYR D 5 -9.08 5.69 -5.00
N VAL D 6 -9.76 5.78 -6.15
CA VAL D 6 -9.29 5.21 -7.40
C VAL D 6 -9.09 6.39 -8.35
N LEU D 7 -7.82 6.73 -8.60
CA LEU D 7 -7.50 7.97 -9.32
C LEU D 7 -6.82 7.66 -10.64
N ASP D 8 -7.02 8.54 -11.61
CA ASP D 8 -6.27 8.47 -12.86
C ASP D 8 -4.93 9.18 -12.70
N SER D 9 -4.16 9.25 -13.79
CA SER D 9 -2.84 9.87 -13.74
C SER D 9 -2.90 11.39 -13.57
N SER D 10 -4.08 12.00 -13.64
CA SER D 10 -4.26 13.39 -13.32
C SER D 10 -4.85 13.59 -11.93
N LEU D 11 -4.87 12.54 -11.11
CA LEU D 11 -5.34 12.57 -9.73
C LEU D 11 -6.84 12.84 -9.64
N ARG D 12 -7.59 12.51 -10.70
CA ARG D 12 -9.03 12.69 -10.69
C ARG D 12 -9.73 11.37 -10.41
N PRO D 13 -10.85 11.39 -9.69
CA PRO D 13 -11.59 10.15 -9.41
C PRO D 13 -12.16 9.56 -10.69
N LEU D 14 -12.38 8.25 -10.65
CA LEU D 14 -12.74 7.49 -11.84
C LEU D 14 -14.13 6.88 -11.70
N PRO D 15 -14.82 6.64 -12.81
CA PRO D 15 -16.14 6.01 -12.78
C PRO D 15 -16.02 4.50 -12.57
N THR D 16 -17.17 3.86 -12.45
CA THR D 16 -17.23 2.43 -12.19
C THR D 16 -16.56 1.64 -13.30
N GLY D 17 -15.70 0.70 -12.93
CA GLY D 17 -15.04 -0.18 -13.88
C GLY D 17 -13.79 0.38 -14.51
N ALA D 18 -13.52 1.68 -14.35
CA ALA D 18 -12.33 2.26 -14.94
C ALA D 18 -11.09 1.86 -14.16
N VAL D 19 -10.01 1.59 -14.89
CA VAL D 19 -8.76 1.15 -14.26
C VAL D 19 -7.97 2.37 -13.80
N GLY D 20 -7.62 2.38 -12.52
CA GLY D 20 -6.82 3.47 -11.98
C GLY D 20 -5.88 3.01 -10.90
N GLU D 21 -5.30 3.95 -10.16
CA GLU D 21 -4.38 3.64 -9.07
C GLU D 21 -5.07 3.86 -7.74
N LEU D 22 -4.78 2.98 -6.78
CA LEU D 22 -5.36 3.06 -5.45
C LEU D 22 -4.57 4.05 -4.59
N TYR D 23 -5.28 4.98 -3.98
CA TYR D 23 -4.74 5.89 -2.97
C TYR D 23 -5.56 5.74 -1.70
N LEU D 24 -4.89 5.71 -0.55
CA LEU D 24 -5.55 5.50 0.73
C LEU D 24 -5.55 6.79 1.54
N GLY D 25 -6.74 7.25 1.92
CA GLY D 25 -6.87 8.41 2.78
C GLY D 25 -7.04 8.02 4.23
N GLY D 26 -6.80 8.98 5.11
CA GLY D 26 -6.81 8.73 6.54
C GLY D 26 -5.48 8.31 7.10
N VAL D 27 -4.38 8.56 6.39
CA VAL D 27 -3.08 8.09 6.81
C VAL D 27 -2.57 8.90 7.99
N GLN D 28 -1.84 8.23 8.88
CA GLN D 28 -1.23 8.89 10.03
C GLN D 28 0.10 8.21 10.30
N LEU D 29 1.19 8.96 10.21
CA LEU D 29 2.52 8.46 10.51
C LEU D 29 3.03 9.13 11.77
N ALA D 30 4.25 8.77 12.17
CA ALA D 30 4.86 9.39 13.34
C ALA D 30 5.16 10.86 13.07
N ARG D 31 4.88 11.71 14.06
CA ARG D 31 5.07 13.14 13.91
C ARG D 31 6.46 13.61 14.30
N GLY D 32 7.14 12.90 15.20
CA GLY D 32 8.40 13.37 15.72
C GLY D 32 9.63 12.99 14.90
N TYR D 33 9.51 11.94 14.08
CA TYR D 33 10.68 11.36 13.42
C TYR D 33 10.36 11.13 11.95
N VAL D 34 11.16 11.72 11.07
CA VAL D 34 11.06 11.52 9.63
C VAL D 34 12.50 11.28 9.12
N GLY D 35 12.95 10.03 9.22
CA GLY D 35 14.30 9.70 8.81
C GLY D 35 14.52 9.61 7.31
N ARG D 36 13.45 9.53 6.52
CA ARG D 36 13.54 9.45 5.07
C ARG D 36 12.55 10.44 4.46
N PRO D 37 12.86 11.75 4.54
CA PRO D 37 11.83 12.76 4.20
C PRO D 37 11.46 12.79 2.72
N GLY D 38 12.43 12.59 1.82
CA GLY D 38 12.10 12.61 0.40
C GLY D 38 11.19 11.46 0.00
N MET D 39 11.57 10.25 0.38
CA MET D 39 10.73 9.08 0.11
C MET D 39 9.34 9.26 0.69
N THR D 40 9.25 9.81 1.90
CA THR D 40 7.95 10.04 2.54
C THR D 40 7.12 11.05 1.77
N ALA D 41 7.73 12.17 1.38
CA ALA D 41 7.01 13.18 0.61
C ALA D 41 6.61 12.69 -0.77
N SER D 42 7.28 11.65 -1.28
CA SER D 42 6.91 11.07 -2.56
C SER D 42 5.84 9.99 -2.43
N ARG D 43 5.76 9.34 -1.27
CA ARG D 43 4.82 8.25 -1.04
C ARG D 43 3.53 8.71 -0.35
N PHE D 44 3.61 9.68 0.54
CA PHE D 44 2.45 10.22 1.25
C PHE D 44 2.28 11.66 0.78
N VAL D 45 1.32 11.88 -0.11
CA VAL D 45 1.24 13.12 -0.87
C VAL D 45 0.05 13.95 -0.38
N ALA D 46 0.00 15.20 -0.80
CA ALA D 46 -1.10 16.07 -0.42
C ALA D 46 -2.43 15.52 -0.93
N ASN D 47 -3.46 15.61 -0.08
CA ASN D 47 -4.74 14.97 -0.36
C ASN D 47 -5.74 15.99 -0.89
N PRO D 48 -6.16 15.89 -2.15
CA PRO D 48 -7.15 16.85 -2.68
C PRO D 48 -8.53 16.69 -2.09
N PHE D 49 -8.84 15.57 -1.43
CA PHE D 49 -10.20 15.26 -1.04
C PHE D 49 -10.46 15.29 0.46
N GLY D 50 -9.45 15.09 1.29
CA GLY D 50 -9.65 15.03 2.72
C GLY D 50 -9.62 16.40 3.37
N PRO D 51 -9.46 16.43 4.69
CA PRO D 51 -9.37 17.72 5.39
C PRO D 51 -8.11 18.47 4.98
N PRO D 52 -8.06 19.77 5.19
CA PRO D 52 -6.86 20.55 4.82
C PRO D 52 -5.62 20.02 5.51
N GLY D 53 -4.56 19.85 4.73
CA GLY D 53 -3.29 19.35 5.25
C GLY D 53 -3.17 17.85 5.33
N SER D 54 -4.20 17.10 4.94
CA SER D 54 -4.14 15.65 5.02
C SER D 54 -3.32 15.07 3.87
N ARG D 55 -3.05 13.76 3.95
CA ARG D 55 -2.20 13.09 2.99
C ARG D 55 -2.86 11.80 2.50
N LEU D 56 -2.46 11.40 1.30
CA LEU D 56 -2.85 10.15 0.68
C LEU D 56 -1.65 9.21 0.58
N TYR D 57 -1.89 7.95 0.87
CA TYR D 57 -0.91 6.89 0.70
C TYR D 57 -0.99 6.39 -0.73
N ARG D 58 0.09 6.62 -1.50
CA ARG D 58 0.16 6.24 -2.91
C ARG D 58 0.61 4.80 -2.98
N THR D 59 -0.34 3.88 -3.18
CA THR D 59 -0.02 2.46 -3.07
C THR D 59 0.80 1.97 -4.26
N GLY D 60 0.64 2.58 -5.43
CA GLY D 60 1.26 2.04 -6.63
C GLY D 60 0.59 0.81 -7.17
N ASP D 61 -0.64 0.52 -6.73
CA ASP D 61 -1.39 -0.66 -7.16
C ASP D 61 -2.54 -0.24 -8.07
N LEU D 62 -2.72 -1.01 -9.14
CA LEU D 62 -3.83 -0.81 -10.07
C LEU D 62 -5.07 -1.50 -9.54
N VAL D 63 -6.20 -0.78 -9.56
CA VAL D 63 -7.48 -1.31 -9.11
C VAL D 63 -8.58 -0.74 -10.00
N ARG D 64 -9.79 -1.27 -9.83
CA ARG D 64 -10.98 -0.69 -10.42
C ARG D 64 -12.13 -0.85 -9.43
N ARG D 65 -12.99 0.16 -9.37
CA ARG D 65 -14.13 0.13 -8.45
C ARG D 65 -15.32 -0.52 -9.14
N ARG D 66 -15.94 -1.48 -8.45
CA ARG D 66 -17.07 -2.21 -9.00
C ARG D 66 -18.36 -1.46 -8.71
N ALA D 67 -19.47 -2.02 -9.19
CA ALA D 67 -20.77 -1.37 -9.03
C ALA D 67 -21.20 -1.27 -7.58
N ASP D 68 -20.77 -2.22 -6.74
CA ASP D 68 -21.12 -2.18 -5.32
C ASP D 68 -20.24 -1.24 -4.51
N GLY D 69 -19.40 -0.43 -5.18
CA GLY D 69 -18.50 0.47 -4.49
C GLY D 69 -17.21 -0.15 -4.02
N ALA D 70 -17.09 -1.48 -4.07
CA ALA D 70 -15.88 -2.15 -3.61
C ALA D 70 -14.83 -2.15 -4.71
N VAL D 71 -13.59 -2.42 -4.30
CA VAL D 71 -12.42 -2.28 -5.15
C VAL D 71 -11.89 -3.66 -5.51
N GLU D 72 -11.53 -3.83 -6.79
CA GLU D 72 -10.96 -5.07 -7.30
C GLU D 72 -9.49 -4.86 -7.63
N TYR D 73 -8.62 -5.72 -7.10
CA TYR D 73 -7.18 -5.60 -7.30
C TYR D 73 -6.79 -6.14 -8.66
N LEU D 74 -5.87 -5.42 -9.33
CA LEU D 74 -5.44 -5.78 -10.67
C LEU D 74 -3.93 -5.95 -10.82
N GLY D 75 -3.16 -5.71 -9.76
CA GLY D 75 -1.72 -5.90 -9.83
C GLY D 75 -0.94 -4.61 -9.60
N ARG D 76 0.35 -4.73 -9.30
CA ARG D 76 1.18 -3.57 -9.00
C ARG D 76 1.80 -3.00 -10.26
N VAL D 77 1.81 -1.67 -10.36
CA VAL D 77 2.35 -0.97 -11.51
C VAL D 77 3.85 -1.27 -11.66
#